data_5L0Z
#
_entry.id   5L0Z
#
_cell.length_a   64.855
_cell.length_b   82.896
_cell.length_c   108.806
_cell.angle_alpha   90.00
_cell.angle_beta   90.00
_cell.angle_gamma   90.00
#
_symmetry.space_group_name_H-M   'P 21 21 21'
#
loop_
_entity.id
_entity.type
_entity.pdbx_description
1 polymer 'Probable RNA methyltransferase, TrmH family'
2 non-polymer 'COBALT (II) ION'
3 non-polymer 'SULFATE ION'
4 non-polymer S-ADENOSYLMETHIONINE
#
_entity_poly.entity_id   1
_entity_poly.type   'polypeptide(L)'
_entity_poly.pdbx_seq_one_letter_code
;(MSE)INDRSDHGTGTARVGQVKEVTSLTNPIVKDIRALTQKKHRDETRSF(MSE)AEGLKLVIDALDLGWKIKTLVYAK
AAKGKPQVEQVAAKTVARGGLVLEVNEKVISTITRRDNPQ(MSE)VVGIFEQRYSPLRDIHPQEGETYVALDRVRDPGNL
GTIIRTADAAGASGIILVGETTDPFSLETVRAT(MSE)GSVFAIPIARANTEDFIRWQRAAGVQVVATHLAGSVDYRTID
YKSKPVVLL(MSE)GNEQAGLPVELAREAGALARIPQAGRADSLNLAIATGI(MSE)LFEARRHLLSLDGGR
;
_entity_poly.pdbx_strand_id   A,B
#
# COMPACT_ATOMS: atom_id res chain seq x y z
N GLY A 16 -17.82 12.32 34.74
CA GLY A 16 -18.14 11.55 33.48
C GLY A 16 -19.51 10.88 33.49
N GLN A 17 -20.05 10.58 32.29
CA GLN A 17 -21.46 10.09 32.16
C GLN A 17 -21.77 9.18 30.94
N VAL A 18 -22.93 8.50 30.99
CA VAL A 18 -23.50 7.69 29.85
C VAL A 18 -24.62 8.49 29.12
N LYS A 19 -24.95 8.09 27.89
CA LYS A 19 -26.07 8.68 27.13
C LYS A 19 -26.52 7.74 26.00
N GLU A 20 -27.60 8.08 25.31
CA GLU A 20 -28.18 7.23 24.25
C GLU A 20 -28.84 8.10 23.16
N VAL A 21 -28.65 7.73 21.89
CA VAL A 21 -29.34 8.44 20.79
C VAL A 21 -29.48 7.56 19.52
N THR A 22 -30.51 7.86 18.72
CA THR A 22 -30.79 7.15 17.46
C THR A 22 -30.94 8.07 16.22
N SER A 23 -31.52 9.26 16.41
CA SER A 23 -31.55 10.33 15.38
C SER A 23 -30.13 10.84 15.03
N LEU A 24 -30.01 11.56 13.92
CA LEU A 24 -28.69 11.96 13.39
C LEU A 24 -28.22 13.35 13.83
N THR A 25 -29.05 14.36 13.57
CA THR A 25 -28.69 15.78 13.78
C THR A 25 -28.04 16.03 15.16
N ASN A 26 -28.81 15.76 16.22
CA ASN A 26 -28.36 15.86 17.65
C ASN A 26 -26.89 16.28 17.80
N PRO A 27 -26.63 17.60 17.75
CA PRO A 27 -25.35 18.25 17.47
C PRO A 27 -24.09 17.45 17.74
N ILE A 28 -24.05 16.76 18.89
CA ILE A 28 -22.87 15.97 19.30
C ILE A 28 -22.61 14.75 18.37
N VAL A 29 -23.64 14.24 17.68
CA VAL A 29 -23.46 13.17 16.67
C VAL A 29 -23.02 13.69 15.28
N LYS A 30 -23.24 14.97 15.01
CA LYS A 30 -22.50 15.66 13.95
C LYS A 30 -21.09 16.04 14.40
N ASP A 31 -20.84 16.05 15.71
CA ASP A 31 -19.51 16.32 16.25
C ASP A 31 -18.58 15.12 16.06
N ILE A 32 -19.14 13.91 16.11
CA ILE A 32 -18.34 12.68 15.98
C ILE A 32 -18.06 12.40 14.51
N ARG A 33 -19.13 12.48 13.70
CA ARG A 33 -19.06 12.48 12.23
C ARG A 33 -17.94 13.33 11.68
N ALA A 34 -17.87 14.56 12.18
CA ALA A 34 -16.90 15.53 11.69
C ALA A 34 -15.43 15.21 12.07
N LEU A 35 -15.20 14.14 12.83
CA LEU A 35 -13.84 13.63 13.10
C LEU A 35 -13.18 12.98 11.87
N THR A 36 -13.92 12.87 10.77
CA THR A 36 -13.35 12.68 9.45
C THR A 36 -12.66 13.89 8.85
N GLN A 37 -12.84 15.07 9.44
CA GLN A 37 -12.24 16.32 8.94
C GLN A 37 -11.08 16.70 9.83
N LYS A 38 -10.01 17.22 9.25
CA LYS A 38 -8.82 17.55 10.00
C LYS A 38 -9.14 18.72 10.91
N LYS A 39 -9.64 19.80 10.31
CA LYS A 39 -10.03 20.99 11.07
C LYS A 39 -10.91 20.70 12.31
N HIS A 40 -11.84 19.74 12.23
CA HIS A 40 -12.62 19.37 13.42
C HIS A 40 -11.84 18.52 14.44
N ARG A 41 -11.02 17.57 13.95
CA ARG A 41 -10.20 16.72 14.83
C ARG A 41 -9.27 17.58 15.61
N ASP A 42 -8.59 18.47 14.89
CA ASP A 42 -7.65 19.40 15.48
C ASP A 42 -8.32 20.39 16.50
N GLU A 43 -9.57 20.80 16.29
CA GLU A 43 -10.23 21.71 17.24
C GLU A 43 -10.42 21.07 18.65
N THR A 44 -10.18 19.76 18.78
CA THR A 44 -10.16 19.09 20.10
C THR A 44 -8.99 18.11 20.36
N ARG A 45 -7.95 18.12 19.53
CA ARG A 45 -6.82 17.18 19.65
C ARG A 45 -7.35 15.73 19.89
N SER A 46 -8.10 15.24 18.91
CA SER A 46 -9.00 14.09 19.08
C SER A 46 -9.12 13.25 17.80
N PHE A 47 -9.41 11.94 17.93
CA PHE A 47 -9.46 11.03 16.79
C PHE A 47 -10.15 9.69 17.07
N ALA A 49 -11.05 5.52 16.39
CA ALA A 49 -10.48 4.17 16.13
C ALA A 49 -11.55 3.07 16.37
N GLU A 50 -11.60 2.07 15.50
CA GLU A 50 -12.71 1.13 15.49
C GLU A 50 -12.27 -0.22 16.00
N GLY A 51 -13.06 -0.82 16.88
CA GLY A 51 -12.86 -2.19 17.32
C GLY A 51 -12.63 -2.34 18.80
N LEU A 52 -13.23 -3.38 19.36
CA LEU A 52 -13.24 -3.59 20.79
C LEU A 52 -11.85 -3.95 21.22
N LYS A 53 -11.32 -5.01 20.61
CA LYS A 53 -9.98 -5.52 20.90
C LYS A 53 -8.99 -4.36 20.84
N LEU A 54 -9.17 -3.53 19.82
CA LEU A 54 -8.30 -2.38 19.57
C LEU A 54 -8.33 -1.33 20.69
N VAL A 55 -9.54 -0.92 21.10
CA VAL A 55 -9.71 0.10 22.16
C VAL A 55 -9.18 -0.38 23.51
N ILE A 56 -9.35 -1.68 23.78
CA ILE A 56 -8.79 -2.32 24.95
C ILE A 56 -7.26 -2.25 24.90
N ASP A 57 -6.68 -2.60 23.76
CA ASP A 57 -5.23 -2.52 23.60
C ASP A 57 -4.65 -1.10 23.70
N ALA A 58 -5.40 -0.13 23.19
CA ALA A 58 -5.00 1.27 23.20
C ALA A 58 -5.13 1.83 24.58
N LEU A 59 -6.08 1.29 25.35
CA LEU A 59 -6.19 1.66 26.76
C LEU A 59 -4.98 1.18 27.59
N ASP A 60 -4.50 -0.03 27.31
CA ASP A 60 -3.27 -0.54 27.92
C ASP A 60 -2.05 0.25 27.59
N LEU A 61 -1.98 0.74 26.36
CA LEU A 61 -0.83 1.51 25.92
C LEU A 61 -0.92 2.95 26.41
N GLY A 62 -1.99 3.26 27.17
CA GLY A 62 -2.09 4.48 27.93
C GLY A 62 -2.60 5.65 27.11
N TRP A 63 -3.72 5.45 26.41
CA TRP A 63 -4.28 6.47 25.54
C TRP A 63 -5.58 6.96 26.21
N LYS A 64 -5.72 8.28 26.36
CA LYS A 64 -6.87 8.83 27.08
C LYS A 64 -8.10 8.70 26.17
N ILE A 65 -9.15 8.01 26.63
CA ILE A 65 -10.39 7.86 25.84
C ILE A 65 -11.40 8.95 26.21
N LYS A 66 -11.92 9.67 25.23
CA LYS A 66 -12.87 10.78 25.49
C LYS A 66 -14.34 10.37 25.45
N THR A 67 -14.64 9.42 24.58
CA THR A 67 -15.98 8.89 24.32
C THR A 67 -15.84 7.42 23.95
N LEU A 68 -16.83 6.60 24.29
CA LEU A 68 -16.97 5.25 23.73
C LEU A 68 -18.27 5.18 22.94
N VAL A 69 -18.36 4.28 21.96
CA VAL A 69 -19.58 4.09 21.14
C VAL A 69 -19.90 2.62 20.85
N TYR A 70 -21.13 2.21 21.17
CA TYR A 70 -21.54 0.81 21.14
C TYR A 70 -23.06 0.77 20.93
N PRO A 78 -19.73 -9.79 26.66
CA PRO A 78 -19.95 -8.47 27.21
C PRO A 78 -18.76 -8.03 28.07
N GLN A 79 -17.74 -7.51 27.37
CA GLN A 79 -16.61 -6.80 27.98
C GLN A 79 -16.78 -5.28 27.87
N VAL A 80 -17.83 -4.84 27.19
CA VAL A 80 -18.12 -3.42 27.02
C VAL A 80 -18.39 -2.79 28.39
N GLU A 81 -18.98 -3.59 29.28
CA GLU A 81 -19.44 -3.12 30.59
C GLU A 81 -18.23 -2.53 31.35
N GLN A 82 -17.14 -3.29 31.37
CA GLN A 82 -15.95 -2.89 32.10
C GLN A 82 -15.19 -1.73 31.41
N VAL A 83 -15.16 -1.73 30.08
CA VAL A 83 -14.51 -0.62 29.35
C VAL A 83 -15.31 0.69 29.50
N ALA A 84 -16.64 0.60 29.40
CA ALA A 84 -17.53 1.75 29.62
C ALA A 84 -17.35 2.29 31.03
N ALA A 85 -17.28 1.37 31.99
CA ALA A 85 -16.98 1.71 33.37
C ALA A 85 -15.65 2.43 33.45
N LYS A 86 -14.59 1.83 32.89
CA LYS A 86 -13.26 2.47 32.84
C LYS A 86 -13.27 3.87 32.17
N THR A 87 -14.12 4.03 31.15
CA THR A 87 -14.28 5.29 30.40
C THR A 87 -15.09 6.36 31.15
N VAL A 88 -16.23 5.97 31.74
CA VAL A 88 -17.08 6.91 32.51
C VAL A 88 -16.42 7.29 33.82
N ALA A 89 -15.70 6.33 34.39
CA ALA A 89 -14.91 6.57 35.57
C ALA A 89 -13.68 7.44 35.25
N ARG A 90 -13.15 7.31 34.03
CA ARG A 90 -12.09 8.25 33.56
C ARG A 90 -12.60 9.69 33.21
N GLY A 91 -13.92 9.89 33.15
CA GLY A 91 -14.53 11.24 33.11
C GLY A 91 -15.01 11.66 31.73
N GLY A 92 -15.70 10.78 31.02
CA GLY A 92 -16.10 11.04 29.65
C GLY A 92 -17.30 10.25 29.18
N LEU A 93 -17.80 10.62 28.01
CA LEU A 93 -19.12 10.16 27.56
C LEU A 93 -19.10 8.70 27.13
N VAL A 94 -20.27 8.08 27.02
CA VAL A 94 -20.41 6.69 26.52
C VAL A 94 -21.76 6.60 25.84
N LEU A 95 -21.82 6.07 24.61
CA LEU A 95 -23.07 6.07 23.85
C LEU A 95 -23.54 4.68 23.41
N GLU A 96 -24.63 4.19 24.02
CA GLU A 96 -25.41 3.05 23.50
C GLU A 96 -26.09 3.56 22.23
N VAL A 97 -26.09 2.73 21.18
CA VAL A 97 -26.41 3.24 19.86
C VAL A 97 -26.75 2.12 18.86
N ASN A 98 -27.59 2.45 17.89
CA ASN A 98 -28.04 1.52 16.84
C ASN A 98 -27.09 1.47 15.65
N GLU A 99 -27.22 0.40 14.88
CA GLU A 99 -26.38 0.20 13.70
C GLU A 99 -26.50 1.35 12.67
N LYS A 100 -27.65 2.00 12.57
CA LYS A 100 -27.78 3.14 11.66
C LYS A 100 -26.85 4.31 12.05
N VAL A 101 -26.69 4.59 13.32
CA VAL A 101 -25.81 5.72 13.74
C VAL A 101 -24.33 5.37 13.57
N ILE A 102 -23.96 4.15 13.94
CA ILE A 102 -22.55 3.74 14.00
C ILE A 102 -21.93 3.71 12.59
N SER A 103 -22.68 3.20 11.62
CA SER A 103 -22.24 3.13 10.25
C SER A 103 -22.19 4.51 9.62
N THR A 104 -23.08 5.41 10.05
CA THR A 104 -23.07 6.76 9.51
C THR A 104 -21.84 7.55 9.97
N ILE A 105 -21.44 7.40 11.23
CA ILE A 105 -20.19 8.03 11.71
C ILE A 105 -18.90 7.39 11.16
N THR A 106 -18.88 6.06 10.94
CA THR A 106 -17.73 5.36 10.37
C THR A 106 -17.78 5.20 8.84
N ARG A 107 -18.91 5.57 8.24
CA ARG A 107 -19.08 5.65 6.80
C ARG A 107 -18.75 4.32 6.19
N ARG A 108 -19.39 3.29 6.70
CA ARG A 108 -19.26 1.93 6.15
C ARG A 108 -20.59 1.23 6.32
N ASP A 109 -21.04 0.57 5.25
CA ASP A 109 -22.33 -0.16 5.26
C ASP A 109 -22.36 -1.32 6.26
N ASN A 110 -21.19 -1.73 6.77
CA ASN A 110 -20.97 -3.02 7.44
C ASN A 110 -20.03 -2.82 8.63
N PRO A 111 -20.37 -1.90 9.54
CA PRO A 111 -19.44 -1.37 10.55
C PRO A 111 -18.92 -2.37 11.59
N GLN A 112 -18.05 -1.89 12.47
CA GLN A 112 -17.68 -2.59 13.71
C GLN A 112 -18.70 -2.17 14.79
N VAL A 114 -18.07 -1.43 17.99
CA VAL A 114 -17.46 -0.60 19.02
C VAL A 114 -16.40 0.28 18.41
N VAL A 115 -16.49 1.57 18.71
CA VAL A 115 -15.64 2.60 18.13
C VAL A 115 -15.25 3.56 19.23
N GLY A 116 -13.96 3.58 19.61
CA GLY A 116 -13.43 4.57 20.56
C GLY A 116 -12.95 5.89 19.97
N ILE A 117 -13.15 6.99 20.69
CA ILE A 117 -12.52 8.30 20.43
C ILE A 117 -11.45 8.62 21.50
N PHE A 118 -10.31 9.13 21.06
CA PHE A 118 -9.16 9.22 21.89
C PHE A 118 -8.45 10.55 21.69
N GLU A 119 -7.60 10.90 22.65
CA GLU A 119 -6.74 12.04 22.55
C GLU A 119 -5.50 11.73 21.69
N GLN A 120 -5.30 12.56 20.67
CA GLN A 120 -4.10 12.52 19.86
C GLN A 120 -2.89 12.73 20.74
N ARG A 121 -1.79 12.05 20.43
CA ARG A 121 -0.53 12.37 21.06
C ARG A 121 0.66 12.16 20.16
N TYR A 122 1.47 13.22 20.03
CA TYR A 122 2.80 13.15 19.45
C TYR A 122 3.88 13.20 20.50
N SER A 123 4.98 12.51 20.26
CA SER A 123 6.19 12.72 21.04
C SER A 123 6.79 14.01 20.52
N PRO A 124 7.21 14.91 21.42
CA PRO A 124 7.98 16.06 20.89
C PRO A 124 9.37 15.60 20.48
N LEU A 125 9.88 16.18 19.42
CA LEU A 125 11.12 15.69 18.85
C LEU A 125 12.32 15.84 19.80
N ARG A 126 12.37 16.92 20.58
CA ARG A 126 13.47 17.13 21.54
C ARG A 126 13.63 16.04 22.63
N ASP A 127 12.50 15.42 22.98
CA ASP A 127 12.43 14.31 23.94
C ASP A 127 12.96 12.98 23.39
N ILE A 128 13.26 12.89 22.09
CA ILE A 128 13.62 11.60 21.52
C ILE A 128 15.12 11.48 21.49
N HIS A 129 15.66 10.51 22.23
CA HIS A 129 17.09 10.38 22.35
C HIS A 129 17.53 9.00 21.85
N PRO A 130 17.93 8.91 20.58
CA PRO A 130 18.31 7.65 19.97
C PRO A 130 19.46 6.92 20.67
N GLN A 131 19.16 5.70 21.11
CA GLN A 131 20.13 4.79 21.72
C GLN A 131 20.69 3.78 20.70
N GLU A 132 21.70 3.04 21.12
CA GLU A 132 22.34 2.02 20.28
C GLU A 132 21.30 0.96 20.00
N GLY A 133 21.29 0.41 18.79
CA GLY A 133 20.33 -0.62 18.40
C GLY A 133 18.99 -0.16 17.84
N GLU A 134 18.71 1.13 17.88
CA GLU A 134 17.43 1.66 17.44
C GLU A 134 17.46 2.25 16.02
N THR A 135 16.32 2.09 15.34
CA THR A 135 16.05 2.62 14.01
C THR A 135 14.88 3.57 14.10
N TYR A 136 14.94 4.65 13.34
CA TYR A 136 13.86 5.59 13.19
C TYR A 136 13.49 5.76 11.75
N VAL A 137 12.23 6.08 11.48
CA VAL A 137 11.80 6.40 10.14
C VAL A 137 11.35 7.83 10.11
N ALA A 138 12.00 8.63 9.27
CA ALA A 138 11.55 10.00 9.01
C ALA A 138 10.98 10.08 7.60
N LEU A 139 9.78 10.64 7.47
CA LEU A 139 9.05 10.72 6.23
C LEU A 139 8.92 12.21 5.90
N ASP A 140 9.65 12.63 4.85
CA ASP A 140 9.52 13.96 4.32
C ASP A 140 8.25 14.09 3.48
N ARG A 141 7.28 14.82 4.02
CA ARG A 141 6.07 15.25 3.31
C ARG A 141 5.21 14.15 2.73
N VAL A 142 4.96 13.14 3.55
CA VAL A 142 4.13 12.01 3.11
C VAL A 142 2.66 12.42 2.83
N ARG A 143 2.26 12.21 1.57
CA ARG A 143 0.99 12.65 1.01
C ARG A 143 -0.12 11.60 1.21
N ASP A 144 0.15 10.33 0.97
CA ASP A 144 -0.94 9.33 0.95
C ASP A 144 -1.17 8.67 2.30
N PRO A 145 -2.40 8.70 2.81
CA PRO A 145 -2.79 8.07 4.09
C PRO A 145 -2.48 6.60 4.24
N GLY A 146 -2.77 5.80 3.23
CA GLY A 146 -2.53 4.36 3.32
C GLY A 146 -1.04 4.07 3.39
N ASN A 147 -0.28 4.77 2.56
CA ASN A 147 1.19 4.76 2.63
C ASN A 147 1.69 5.00 4.05
N LEU A 148 1.12 5.99 4.73
CA LEU A 148 1.56 6.37 6.07
C LEU A 148 1.18 5.29 7.08
N GLY A 149 -0.07 4.88 7.04
CA GLY A 149 -0.58 3.85 7.94
C GLY A 149 0.16 2.55 7.78
N THR A 150 0.46 2.18 6.54
CA THR A 150 1.26 0.98 6.26
C THR A 150 2.69 1.09 6.75
N ILE A 151 3.29 2.26 6.62
CA ILE A 151 4.61 2.47 7.17
C ILE A 151 4.63 2.34 8.70
N ILE A 152 3.54 2.76 9.33
CA ILE A 152 3.47 2.83 10.77
C ILE A 152 3.33 1.45 11.29
N ARG A 153 2.43 0.72 10.71
CA ARG A 153 2.32 -0.70 10.91
C ARG A 153 3.61 -1.52 10.70
N THR A 154 4.41 -1.11 9.73
CA THR A 154 5.55 -1.91 9.29
C THR A 154 6.78 -1.60 10.13
N ALA A 155 6.93 -0.31 10.45
CA ALA A 155 7.93 0.14 11.39
C ALA A 155 7.73 -0.54 12.75
N ASP A 156 6.47 -0.68 13.18
CA ASP A 156 6.11 -1.37 14.43
C ASP A 156 6.57 -2.80 14.33
N ALA A 157 6.16 -3.44 13.23
CA ALA A 157 6.53 -4.82 12.95
C ALA A 157 8.07 -5.08 12.91
N ALA A 158 8.85 -4.09 12.48
CA ALA A 158 10.30 -4.27 12.37
C ALA A 158 11.02 -4.00 13.71
N GLY A 159 10.26 -3.64 14.75
CA GLY A 159 10.85 -3.13 15.99
C GLY A 159 11.60 -1.82 15.86
N ALA A 160 11.12 -0.89 15.03
CA ALA A 160 11.66 0.45 15.01
C ALA A 160 11.05 1.24 16.18
N SER A 161 11.67 2.35 16.51
CA SER A 161 11.39 3.08 17.75
C SER A 161 10.59 4.33 17.52
N GLY A 162 10.40 4.73 16.26
CA GLY A 162 9.44 5.76 15.96
C GLY A 162 9.41 6.24 14.56
N ILE A 163 8.44 7.13 14.32
CA ILE A 163 8.15 7.79 13.03
C ILE A 163 8.25 9.29 13.25
N ILE A 164 9.03 9.95 12.39
CA ILE A 164 9.20 11.39 12.43
C ILE A 164 8.64 12.04 11.15
N LEU A 165 7.53 12.75 11.26
CA LEU A 165 6.91 13.38 10.10
C LEU A 165 7.46 14.78 9.87
N VAL A 166 8.23 14.90 8.79
CA VAL A 166 9.01 16.10 8.53
C VAL A 166 8.28 16.92 7.50
N GLY A 167 8.00 18.16 7.85
CA GLY A 167 7.29 19.06 6.97
C GLY A 167 5.81 18.80 6.99
N GLU A 168 5.14 19.31 5.97
CA GLU A 168 3.69 19.20 5.77
C GLU A 168 3.36 17.81 5.25
N THR A 169 2.72 17.01 6.08
CA THR A 169 2.32 15.66 5.69
C THR A 169 0.82 15.50 5.87
N THR A 170 0.34 14.33 5.46
CA THR A 170 -1.01 13.89 5.78
C THR A 170 -1.12 13.68 7.30
N ASP A 171 -2.35 13.72 7.85
CA ASP A 171 -2.55 13.53 9.30
C ASP A 171 -2.42 12.04 9.59
N PRO A 172 -1.55 11.65 10.52
CA PRO A 172 -1.53 10.24 10.98
C PRO A 172 -2.77 9.76 11.71
N PHE A 173 -3.62 10.69 12.17
CA PHE A 173 -4.83 10.34 12.93
C PHE A 173 -6.12 10.44 12.15
N SER A 174 -6.02 10.47 10.82
CA SER A 174 -7.20 10.32 9.99
C SER A 174 -7.67 8.89 10.13
N LEU A 175 -8.97 8.76 10.03
CA LEU A 175 -9.58 7.47 10.02
C LEU A 175 -8.96 6.58 8.95
N GLU A 176 -8.63 7.16 7.80
CA GLU A 176 -8.07 6.39 6.67
C GLU A 176 -6.70 5.86 7.05
N THR A 177 -5.83 6.75 7.55
CA THR A 177 -4.54 6.36 8.11
C THR A 177 -4.61 5.44 9.37
N VAL A 178 -5.58 5.65 10.22
CA VAL A 178 -5.63 4.83 11.44
C VAL A 178 -6.00 3.42 11.05
N ARG A 179 -6.93 3.27 10.12
CA ARG A 179 -7.28 1.94 9.68
C ARG A 179 -6.08 1.25 9.13
N ALA A 180 -5.33 1.96 8.26
CA ALA A 180 -4.22 1.31 7.57
C ALA A 180 -3.09 0.81 8.52
N THR A 181 -3.00 1.38 9.74
CA THR A 181 -2.01 0.96 10.69
C THR A 181 -2.30 -0.37 11.28
N GLY A 183 -3.85 -0.93 14.12
CA GLY A 183 -3.55 -0.86 15.53
C GLY A 183 -2.20 -0.22 15.87
N SER A 184 -1.28 -0.16 14.92
CA SER A 184 0.06 0.29 15.25
C SER A 184 0.19 1.79 15.52
N VAL A 185 -0.86 2.56 15.34
CA VAL A 185 -0.80 3.99 15.69
C VAL A 185 -0.64 4.19 17.20
N PHE A 186 -1.23 3.24 17.93
CA PHE A 186 -1.14 3.17 19.38
C PHE A 186 0.14 2.55 19.91
N ALA A 187 0.98 1.98 19.04
CA ALA A 187 2.11 1.19 19.51
C ALA A 187 3.45 1.75 19.16
N ILE A 188 3.55 2.78 18.31
CA ILE A 188 4.87 3.37 18.02
C ILE A 188 4.84 4.91 18.01
N PRO A 189 5.78 5.56 18.75
CA PRO A 189 5.86 7.02 18.79
C PRO A 189 5.85 7.68 17.43
N ILE A 190 5.09 8.77 17.33
CA ILE A 190 5.03 9.59 16.13
C ILE A 190 5.37 10.99 16.52
N ALA A 191 6.12 11.68 15.70
CA ALA A 191 6.51 13.01 16.02
C ALA A 191 6.49 13.80 14.78
N ARG A 192 6.38 15.11 14.93
CA ARG A 192 6.25 16.00 13.79
C ARG A 192 7.15 17.20 13.97
N ALA A 193 7.76 17.67 12.88
CA ALA A 193 8.67 18.82 12.90
C ALA A 193 8.77 19.52 11.56
N ASN A 194 9.03 20.83 11.62
CA ASN A 194 9.37 21.60 10.42
C ASN A 194 10.77 21.17 10.03
N THR A 195 11.18 21.53 8.82
CA THR A 195 12.44 21.06 8.22
C THR A 195 13.66 21.47 9.05
N GLU A 196 13.66 22.72 9.51
CA GLU A 196 14.78 23.29 10.29
C GLU A 196 15.06 22.55 11.62
N ASP A 197 14.01 22.38 12.43
CA ASP A 197 14.06 21.71 13.77
C ASP A 197 14.47 20.25 13.68
N PHE A 198 13.99 19.59 12.63
CA PHE A 198 14.38 18.23 12.34
C PHE A 198 15.85 18.15 12.03
N ILE A 199 16.30 18.99 11.13
CA ILE A 199 17.73 19.04 10.79
C ILE A 199 18.60 19.35 12.03
N ARG A 200 18.21 20.37 12.80
CA ARG A 200 18.87 20.69 14.09
C ARG A 200 18.99 19.41 14.96
N TRP A 201 17.84 18.76 15.17
CA TRP A 201 17.74 17.52 15.92
C TRP A 201 18.60 16.43 15.36
N GLN A 202 18.55 16.26 14.05
CA GLN A 202 19.23 15.14 13.38
C GLN A 202 20.75 15.18 13.58
N ARG A 203 21.30 16.39 13.69
CA ARG A 203 22.72 16.60 13.98
C ARG A 203 23.04 16.27 15.45
N ALA A 204 22.38 16.98 16.36
CA ALA A 204 22.56 16.81 17.82
C ALA A 204 22.40 15.35 18.35
N ALA A 205 21.70 14.51 17.58
CA ALA A 205 21.31 13.16 18.00
C ALA A 205 22.35 12.05 17.79
N GLY A 206 23.37 12.30 16.97
CA GLY A 206 24.46 11.33 16.79
C GLY A 206 23.93 10.08 16.12
N VAL A 207 23.40 10.26 14.92
CA VAL A 207 22.73 9.21 14.16
C VAL A 207 23.29 9.08 12.75
N GLN A 208 23.23 7.87 12.22
CA GLN A 208 23.60 7.54 10.86
C GLN A 208 22.39 7.87 9.97
N VAL A 209 22.43 9.01 9.29
CA VAL A 209 21.27 9.43 8.51
C VAL A 209 21.39 8.78 7.17
N VAL A 210 20.34 8.04 6.80
CA VAL A 210 20.34 7.27 5.57
C VAL A 210 19.25 7.81 4.69
N ALA A 211 19.60 8.75 3.83
CA ALA A 211 18.62 9.30 2.91
C ALA A 211 18.49 8.33 1.76
N THR A 212 17.33 8.34 1.12
CA THR A 212 17.10 7.53 -0.05
C THR A 212 16.73 8.42 -1.22
N HIS A 213 17.38 8.15 -2.36
CA HIS A 213 17.12 8.88 -3.59
C HIS A 213 17.18 7.89 -4.75
N LEU A 214 16.39 8.14 -5.78
CA LEU A 214 16.55 7.41 -7.03
C LEU A 214 17.85 7.75 -7.78
N ALA A 215 18.50 8.85 -7.39
CA ALA A 215 19.84 9.25 -7.86
C ALA A 215 20.96 8.93 -6.86
N GLY A 216 20.70 8.04 -5.92
CA GLY A 216 21.67 7.69 -4.88
C GLY A 216 22.80 6.83 -5.40
N SER A 217 23.94 6.98 -4.76
CA SER A 217 25.17 6.41 -5.28
C SER A 217 25.42 5.01 -4.75
N VAL A 218 24.89 4.68 -3.57
CA VAL A 218 25.32 3.45 -2.84
C VAL A 218 24.22 2.40 -2.54
N ASP A 219 24.58 1.16 -2.77
CA ASP A 219 23.70 0.06 -2.54
C ASP A 219 23.27 0.06 -1.07
N TYR A 220 21.97 0.04 -0.81
CA TYR A 220 21.47 -0.04 0.58
C TYR A 220 21.99 -1.26 1.34
N ARG A 221 22.39 -2.31 0.62
CA ARG A 221 22.94 -3.51 1.24
C ARG A 221 24.36 -3.27 1.71
N THR A 222 25.14 -2.43 1.01
CA THR A 222 26.54 -2.10 1.44
C THR A 222 26.73 -1.14 2.63
N ILE A 223 25.66 -0.80 3.37
CA ILE A 223 25.70 0.24 4.41
C ILE A 223 25.84 -0.35 5.82
N ASP A 224 26.49 0.44 6.67
CA ASP A 224 26.68 0.14 8.09
C ASP A 224 25.48 0.64 8.88
N TYR A 225 24.68 -0.31 9.35
CA TYR A 225 23.53 -0.03 10.20
C TYR A 225 23.81 -0.52 11.62
N LYS A 226 25.06 -0.84 11.94
CA LYS A 226 25.37 -1.44 13.22
C LYS A 226 25.95 -0.45 14.20
N SER A 227 26.69 0.54 13.71
CA SER A 227 27.47 1.42 14.57
C SER A 227 26.58 2.36 15.37
N LYS A 228 25.77 3.11 14.65
CA LYS A 228 25.02 4.21 15.20
C LYS A 228 23.55 3.91 15.08
N PRO A 229 22.73 4.50 15.95
CA PRO A 229 21.31 4.56 15.64
C PRO A 229 21.04 5.17 14.25
N VAL A 230 20.10 4.59 13.52
CA VAL A 230 19.85 4.99 12.14
C VAL A 230 18.55 5.79 12.01
N VAL A 231 18.59 6.85 11.21
CA VAL A 231 17.36 7.47 10.76
C VAL A 231 17.24 7.28 9.23
N LEU A 232 16.25 6.48 8.82
CA LEU A 232 15.91 6.24 7.42
C LEU A 232 15.07 7.41 6.92
N LEU A 233 15.67 8.25 6.07
CA LEU A 233 14.97 9.39 5.46
C LEU A 233 14.34 9.01 4.09
N GLY A 235 11.70 9.96 0.95
CA GLY A 235 11.15 11.10 0.24
C GLY A 235 9.66 11.07 -0.10
N ASN A 236 9.14 12.25 -0.42
CA ASN A 236 7.76 12.49 -0.86
C ASN A 236 7.41 11.60 -2.04
N GLU A 237 6.13 11.24 -2.18
CA GLU A 237 5.72 10.33 -3.26
C GLU A 237 5.90 10.89 -4.68
N GLN A 238 5.42 12.11 -4.94
CA GLN A 238 5.57 12.73 -6.27
C GLN A 238 7.02 13.22 -6.52
N ALA A 239 7.67 13.74 -5.48
CA ALA A 239 8.85 14.59 -5.63
C ALA A 239 10.16 14.00 -5.15
N GLY A 240 10.15 13.12 -4.18
CA GLY A 240 11.43 12.64 -3.61
C GLY A 240 12.02 13.65 -2.63
N LEU A 241 13.23 13.41 -2.16
CA LEU A 241 13.78 14.28 -1.10
C LEU A 241 14.26 15.62 -1.66
N PRO A 242 13.99 16.73 -0.97
CA PRO A 242 14.52 18.01 -1.40
C PRO A 242 15.97 18.19 -0.94
N VAL A 243 16.75 18.95 -1.71
CA VAL A 243 18.18 19.10 -1.44
C VAL A 243 18.41 19.34 0.06
N GLU A 244 17.73 20.33 0.63
CA GLU A 244 17.92 20.72 2.05
C GLU A 244 18.05 19.52 3.02
N LEU A 245 17.32 18.43 2.75
CA LEU A 245 17.47 17.19 3.54
C LEU A 245 18.44 16.22 2.89
N ALA A 246 18.38 16.09 1.55
CA ALA A 246 19.35 15.27 0.82
C ALA A 246 20.76 15.61 1.27
N ARG A 247 21.07 16.89 1.28
CA ARG A 247 22.35 17.47 1.78
C ARG A 247 22.93 16.82 3.03
N GLU A 248 22.04 16.46 3.95
CA GLU A 248 22.39 15.97 5.28
C GLU A 248 22.85 14.52 5.37
N ALA A 249 22.55 13.74 4.32
CA ALA A 249 22.81 12.31 4.32
C ALA A 249 24.24 11.96 4.73
N GLY A 250 24.35 11.10 5.72
CA GLY A 250 25.60 10.40 5.99
C GLY A 250 25.83 9.27 4.99
N ALA A 251 24.75 8.79 4.35
CA ALA A 251 24.78 7.77 3.30
C ALA A 251 23.55 7.96 2.37
N LEU A 252 23.77 8.28 1.09
CA LEU A 252 22.68 8.50 0.11
C LEU A 252 22.32 7.19 -0.65
N ALA A 253 21.38 6.41 -0.11
CA ALA A 253 21.15 5.02 -0.55
C ALA A 253 20.10 4.87 -1.60
N ARG A 254 20.23 3.80 -2.37
CA ARG A 254 19.20 3.40 -3.31
C ARG A 254 19.10 1.88 -3.46
N ILE A 255 17.85 1.44 -3.63
CA ILE A 255 17.51 0.04 -3.87
C ILE A 255 17.60 -0.20 -5.37
N PRO A 256 18.40 -1.20 -5.78
CA PRO A 256 18.47 -1.47 -7.22
C PRO A 256 17.15 -1.99 -7.81
N GLN A 257 16.73 -1.41 -8.92
CA GLN A 257 15.60 -1.87 -9.71
C GLN A 257 16.07 -2.31 -11.11
N ALA A 258 15.16 -2.93 -11.86
CA ALA A 258 15.52 -3.64 -13.08
C ALA A 258 14.34 -3.70 -14.03
N GLY A 259 13.72 -2.58 -14.34
CA GLY A 259 12.68 -2.62 -15.38
C GLY A 259 12.34 -1.29 -16.01
N ARG A 260 11.12 -1.24 -16.54
CA ARG A 260 10.51 -0.02 -17.07
C ARG A 260 10.32 0.94 -15.88
N ALA A 261 9.79 0.36 -14.81
CA ALA A 261 9.49 1.02 -13.56
C ALA A 261 10.43 2.17 -13.13
N ASP A 262 9.80 3.30 -12.86
CA ASP A 262 10.44 4.51 -12.39
C ASP A 262 10.99 4.25 -10.99
N SER A 263 10.11 3.96 -10.06
CA SER A 263 10.43 3.92 -8.65
C SER A 263 9.57 2.92 -7.94
N LEU A 264 9.95 2.62 -6.69
CA LEU A 264 9.13 1.83 -5.79
C LEU A 264 8.12 2.71 -5.09
N ASN A 265 7.02 2.09 -4.70
CA ASN A 265 6.02 2.75 -3.88
C ASN A 265 6.72 3.12 -2.60
N LEU A 266 6.27 4.18 -1.94
CA LEU A 266 6.93 4.69 -0.75
C LEU A 266 6.98 3.69 0.38
N ALA A 267 5.80 3.15 0.70
CA ALA A 267 5.68 2.19 1.81
C ALA A 267 6.52 0.96 1.56
N ILE A 268 6.63 0.61 0.29
CA ILE A 268 7.32 -0.59 -0.13
C ILE A 268 8.80 -0.43 0.11
N ALA A 269 9.32 0.68 -0.40
CA ALA A 269 10.69 1.12 -0.16
C ALA A 269 10.99 1.17 1.35
N THR A 270 10.09 1.74 2.13
CA THR A 270 10.34 1.88 3.55
C THR A 270 10.45 0.52 4.26
N GLY A 271 9.63 -0.42 3.82
CA GLY A 271 9.66 -1.78 4.30
C GLY A 271 10.95 -2.46 3.93
N ILE A 272 11.37 -2.31 2.68
N ILE A 272 11.39 -2.35 2.68
CA ILE A 272 12.63 -2.89 2.20
CA ILE A 272 12.65 -2.99 2.27
C ILE A 272 13.84 -2.46 3.08
C ILE A 272 13.86 -2.45 3.06
N LEU A 274 13.49 -0.97 6.13
CA LEU A 274 13.37 -1.36 7.52
C LEU A 274 14.05 -2.68 7.79
N PHE A 275 13.88 -3.64 6.90
CA PHE A 275 14.39 -5.00 7.11
C PHE A 275 15.82 -5.24 6.64
N GLU A 276 16.40 -4.28 5.94
CA GLU A 276 17.80 -4.30 5.69
C GLU A 276 18.52 -3.67 6.86
N ALA A 277 18.07 -2.46 7.21
CA ALA A 277 18.53 -1.77 8.38
C ALA A 277 18.45 -2.54 9.67
N ARG A 278 17.55 -3.51 9.79
CA ARG A 278 17.52 -4.35 10.99
C ARG A 278 17.75 -5.83 10.71
N ARG A 279 18.43 -6.14 9.64
CA ARG A 279 18.69 -7.52 9.24
C ARG A 279 19.40 -8.26 10.36
N HIS A 280 20.48 -7.66 10.83
CA HIS A 280 21.24 -8.17 11.96
C HIS A 280 20.48 -8.33 13.30
N LEU A 281 19.39 -7.60 13.48
CA LEU A 281 18.65 -7.60 14.75
C LEU A 281 17.39 -8.45 14.78
N LEU A 282 16.88 -8.83 13.62
CA LEU A 282 15.62 -9.57 13.56
C LEU A 282 16.02 -11.04 13.41
N SER A 283 15.35 -11.91 14.16
CA SER A 283 15.58 -13.34 14.06
C SER A 283 14.41 -14.13 14.65
N LEU A 284 14.51 -15.46 14.60
CA LEU A 284 13.36 -16.38 14.78
C LEU A 284 13.55 -17.31 15.99
N GLY B 16 -15.55 8.00 -39.79
CA GLY B 16 -14.75 9.12 -39.21
C GLY B 16 -14.24 8.82 -37.81
N GLN B 17 -13.10 8.11 -37.72
CA GLN B 17 -12.47 7.66 -36.45
C GLN B 17 -12.07 8.84 -35.52
N VAL B 18 -11.63 9.94 -36.12
CA VAL B 18 -11.50 11.23 -35.44
C VAL B 18 -12.91 11.84 -35.31
N LYS B 19 -13.44 11.79 -34.07
CA LYS B 19 -14.87 12.02 -33.76
C LYS B 19 -15.02 12.75 -32.41
N GLU B 20 -15.98 13.68 -32.31
CA GLU B 20 -16.19 14.50 -31.10
C GLU B 20 -17.56 14.20 -30.47
N VAL B 21 -17.71 14.47 -29.17
CA VAL B 21 -19.04 14.50 -28.49
C VAL B 21 -19.02 15.48 -27.29
N THR B 22 -20.10 16.23 -27.11
CA THR B 22 -20.31 17.06 -25.92
C THR B 22 -21.25 16.39 -24.90
N SER B 23 -22.25 15.67 -25.40
CA SER B 23 -23.30 15.08 -24.57
C SER B 23 -22.81 13.95 -23.66
N LEU B 24 -23.23 13.98 -22.39
CA LEU B 24 -23.05 12.86 -21.43
C LEU B 24 -24.21 11.85 -21.52
N THR B 25 -25.31 12.30 -22.10
CA THR B 25 -26.41 11.42 -22.49
C THR B 25 -25.98 10.40 -23.53
N ASN B 26 -25.09 10.81 -24.43
CA ASN B 26 -24.63 9.97 -25.53
C ASN B 26 -24.31 8.56 -25.02
N PRO B 27 -24.97 7.51 -25.58
CA PRO B 27 -24.65 6.11 -25.23
C PRO B 27 -23.18 5.67 -25.47
N ILE B 28 -22.47 6.37 -26.35
CA ILE B 28 -21.01 6.20 -26.53
C ILE B 28 -20.23 6.45 -25.23
N VAL B 29 -20.78 7.28 -24.33
CA VAL B 29 -20.18 7.57 -23.01
C VAL B 29 -20.61 6.58 -21.93
N LYS B 30 -21.91 6.29 -21.80
CA LYS B 30 -22.38 5.41 -20.70
C LYS B 30 -21.94 3.94 -20.84
N ASP B 31 -21.43 3.57 -22.01
CA ASP B 31 -20.82 2.26 -22.24
C ASP B 31 -19.33 2.24 -21.82
N ILE B 32 -18.66 3.39 -21.81
CA ILE B 32 -17.34 3.55 -21.16
C ILE B 32 -17.48 3.49 -19.62
N ARG B 33 -18.45 4.24 -19.10
CA ARG B 33 -18.81 4.19 -17.69
C ARG B 33 -19.14 2.76 -17.22
N ALA B 34 -19.67 1.94 -18.13
CA ALA B 34 -19.97 0.53 -17.82
C ALA B 34 -18.72 -0.33 -17.50
N LEU B 35 -17.54 0.16 -17.85
CA LEU B 35 -16.29 -0.49 -17.49
C LEU B 35 -16.01 -0.51 -16.00
N THR B 36 -16.59 0.40 -15.23
CA THR B 36 -16.70 0.19 -13.80
C THR B 36 -17.09 -1.26 -13.48
N GLN B 37 -18.12 -1.76 -14.16
CA GLN B 37 -18.64 -3.11 -13.91
C GLN B 37 -17.68 -4.17 -14.46
N LYS B 38 -17.50 -5.24 -13.70
CA LYS B 38 -16.60 -6.33 -14.06
C LYS B 38 -17.20 -7.18 -15.18
N LYS B 39 -18.50 -7.44 -15.06
CA LYS B 39 -19.31 -8.05 -16.12
C LYS B 39 -18.95 -7.49 -17.49
N HIS B 40 -19.14 -6.17 -17.64
CA HIS B 40 -18.86 -5.50 -18.90
C HIS B 40 -17.38 -5.61 -19.26
N ARG B 41 -16.53 -5.40 -18.25
CA ARG B 41 -15.10 -5.44 -18.44
C ARG B 41 -14.67 -6.81 -18.99
N ASP B 42 -15.22 -7.87 -18.40
CA ASP B 42 -14.81 -9.23 -18.74
C ASP B 42 -15.47 -9.68 -20.01
N GLU B 43 -16.78 -9.46 -20.13
CA GLU B 43 -17.53 -9.80 -21.37
C GLU B 43 -17.12 -8.95 -22.60
N THR B 44 -16.55 -7.75 -22.40
CA THR B 44 -15.87 -6.97 -23.52
C THR B 44 -14.33 -7.10 -23.66
N ARG B 45 -13.67 -7.86 -22.79
CA ARG B 45 -12.23 -8.07 -22.85
C ARG B 45 -11.43 -6.74 -22.80
N SER B 46 -11.99 -5.70 -22.18
CA SER B 46 -11.37 -4.40 -22.27
C SER B 46 -11.15 -3.79 -20.88
N PHE B 47 -10.47 -2.64 -20.83
CA PHE B 47 -10.22 -1.90 -19.58
C PHE B 47 -9.60 -0.52 -19.81
N ALA B 49 -7.26 2.94 -18.82
CA ALA B 49 -5.95 3.36 -18.30
C ALA B 49 -5.76 4.86 -18.52
N GLU B 50 -5.24 5.56 -17.52
CA GLU B 50 -5.24 7.02 -17.47
C GLU B 50 -3.83 7.55 -17.63
N GLY B 51 -3.71 8.66 -18.36
CA GLY B 51 -2.44 9.36 -18.55
C GLY B 51 -1.76 9.09 -19.89
N LEU B 52 -1.15 10.12 -20.46
CA LEU B 52 -0.55 10.04 -21.79
C LEU B 52 0.74 9.19 -21.85
N LYS B 53 1.59 9.29 -20.82
CA LYS B 53 2.87 8.56 -20.75
C LYS B 53 2.61 7.09 -20.52
N LEU B 54 1.48 6.75 -19.87
CA LEU B 54 0.97 5.38 -19.87
C LEU B 54 0.55 5.00 -21.28
N VAL B 55 -0.42 5.75 -21.80
CA VAL B 55 -1.06 5.42 -23.05
C VAL B 55 -0.01 5.26 -24.16
N ILE B 56 1.04 6.07 -24.11
CA ILE B 56 2.18 5.90 -25.02
C ILE B 56 2.95 4.63 -24.74
N ASP B 57 3.50 4.53 -23.54
CA ASP B 57 4.33 3.38 -23.19
C ASP B 57 3.60 2.03 -23.33
N ALA B 58 2.28 2.03 -23.16
CA ALA B 58 1.47 0.83 -23.44
C ALA B 58 1.36 0.58 -24.94
N LEU B 59 1.24 1.66 -25.72
CA LEU B 59 1.32 1.56 -27.18
C LEU B 59 2.69 1.04 -27.61
N ASP B 60 3.77 1.62 -27.09
CA ASP B 60 5.12 1.10 -27.35
C ASP B 60 5.29 -0.36 -26.87
N LEU B 61 4.56 -0.76 -25.86
CA LEU B 61 4.61 -2.15 -25.37
C LEU B 61 3.71 -3.15 -26.11
N GLY B 62 3.07 -2.73 -27.20
CA GLY B 62 2.32 -3.64 -28.05
C GLY B 62 0.87 -3.93 -27.65
N TRP B 63 0.26 -3.05 -26.85
CA TRP B 63 -1.11 -3.28 -26.37
C TRP B 63 -2.15 -2.76 -27.39
N LYS B 64 -3.28 -3.46 -27.52
CA LYS B 64 -4.31 -3.08 -28.51
C LYS B 64 -5.30 -2.10 -27.89
N ILE B 65 -5.19 -0.83 -28.28
CA ILE B 65 -6.12 0.22 -27.82
C ILE B 65 -7.42 0.18 -28.59
N LYS B 66 -8.55 0.14 -27.88
CA LYS B 66 -9.85 0.16 -28.53
C LYS B 66 -10.32 1.58 -28.71
N THR B 67 -10.28 2.37 -27.64
CA THR B 67 -10.83 3.72 -27.62
C THR B 67 -9.78 4.66 -27.05
N LEU B 68 -9.75 5.91 -27.51
CA LEU B 68 -8.82 6.91 -26.97
C LEU B 68 -9.53 8.25 -26.74
N VAL B 69 -9.69 8.65 -25.49
CA VAL B 69 -10.42 9.87 -25.17
C VAL B 69 -9.42 10.98 -24.80
N TYR B 70 -9.78 12.23 -25.13
CA TYR B 70 -9.14 13.44 -24.54
C TYR B 70 -9.94 14.72 -24.73
N PRO B 78 0.14 18.47 -28.33
CA PRO B 78 1.59 18.30 -28.59
C PRO B 78 2.02 16.88 -29.09
N GLN B 79 2.17 15.90 -28.19
CA GLN B 79 2.42 14.49 -28.56
C GLN B 79 1.10 13.73 -28.74
N VAL B 80 -0.01 14.32 -28.29
CA VAL B 80 -1.36 13.77 -28.48
C VAL B 80 -1.70 13.42 -29.94
N GLU B 81 -1.25 14.25 -30.90
CA GLU B 81 -1.46 13.96 -32.33
C GLU B 81 -0.71 12.71 -32.78
N GLN B 82 0.55 12.59 -32.35
CA GLN B 82 1.37 11.41 -32.64
C GLN B 82 0.75 10.15 -32.02
N VAL B 83 0.01 10.29 -30.92
CA VAL B 83 -0.74 9.18 -30.30
C VAL B 83 -2.07 8.85 -31.02
N ALA B 84 -2.86 9.88 -31.37
CA ALA B 84 -4.14 9.61 -32.06
C ALA B 84 -3.90 8.98 -33.43
N ALA B 85 -2.76 9.26 -34.04
CA ALA B 85 -2.32 8.52 -35.23
C ALA B 85 -2.12 7.01 -34.97
N LYS B 86 -1.24 6.63 -34.03
CA LYS B 86 -0.98 5.20 -33.68
C LYS B 86 -2.25 4.48 -33.30
N THR B 87 -3.20 5.22 -32.77
CA THR B 87 -4.51 4.74 -32.43
C THR B 87 -5.28 4.25 -33.65
N VAL B 88 -5.45 5.15 -34.62
CA VAL B 88 -6.25 4.91 -35.83
C VAL B 88 -5.57 3.93 -36.79
N ALA B 89 -4.24 4.02 -36.88
CA ALA B 89 -3.40 3.04 -37.62
C ALA B 89 -3.70 1.60 -37.23
N ARG B 90 -3.93 1.38 -35.94
CA ARG B 90 -4.23 0.05 -35.38
C ARG B 90 -5.74 -0.17 -35.21
N GLY B 91 -6.57 0.52 -35.99
CA GLY B 91 -8.01 0.27 -35.98
C GLY B 91 -8.72 0.65 -34.69
N GLY B 92 -8.35 1.79 -34.12
CA GLY B 92 -8.92 2.24 -32.86
C GLY B 92 -9.70 3.54 -33.03
N LEU B 93 -10.83 3.64 -32.32
CA LEU B 93 -11.68 4.83 -32.31
C LEU B 93 -11.12 5.93 -31.40
N VAL B 94 -11.19 7.19 -31.84
CA VAL B 94 -10.72 8.35 -31.05
C VAL B 94 -11.90 9.23 -30.63
N LEU B 95 -11.76 9.95 -29.50
CA LEU B 95 -12.82 10.84 -28.99
C LEU B 95 -12.29 12.14 -28.37
N GLU B 96 -12.71 13.28 -28.92
CA GLU B 96 -12.48 14.60 -28.29
C GLU B 96 -13.71 14.92 -27.43
N VAL B 97 -13.50 15.18 -26.13
CA VAL B 97 -14.57 15.53 -25.19
C VAL B 97 -14.09 16.54 -24.13
N ASN B 98 -15.03 17.26 -23.50
CA ASN B 98 -14.69 18.30 -22.48
C ASN B 98 -14.20 17.71 -21.15
N GLU B 99 -13.41 18.49 -20.40
CA GLU B 99 -12.84 18.03 -19.11
C GLU B 99 -13.86 17.40 -18.14
N LYS B 100 -15.15 17.78 -18.27
CA LYS B 100 -16.26 17.23 -17.46
C LYS B 100 -16.84 15.87 -17.94
N VAL B 101 -16.66 15.56 -19.23
CA VAL B 101 -16.93 14.21 -19.76
C VAL B 101 -15.89 13.25 -19.17
N ILE B 102 -14.63 13.68 -19.18
CA ILE B 102 -13.50 12.92 -18.63
C ILE B 102 -13.66 12.74 -17.11
N SER B 103 -14.24 13.74 -16.43
CA SER B 103 -14.62 13.61 -15.00
C SER B 103 -15.58 12.46 -14.71
N THR B 104 -16.65 12.37 -15.49
CA THR B 104 -17.71 11.42 -15.18
C THR B 104 -17.34 9.96 -15.51
N ILE B 105 -16.54 9.73 -16.55
CA ILE B 105 -16.01 8.37 -16.84
C ILE B 105 -15.04 7.88 -15.78
N THR B 106 -14.11 8.76 -15.40
CA THR B 106 -12.98 8.43 -14.54
C THR B 106 -13.40 8.18 -13.10
N ARG B 107 -14.43 8.91 -12.65
CA ARG B 107 -14.74 9.12 -11.22
C ARG B 107 -13.54 9.75 -10.51
N ARG B 108 -13.10 10.91 -11.01
CA ARG B 108 -11.97 11.64 -10.42
C ARG B 108 -12.09 13.17 -10.58
N ASP B 109 -11.77 13.85 -9.48
CA ASP B 109 -11.37 15.25 -9.42
C ASP B 109 -10.09 15.55 -10.23
N ASN B 110 -10.14 16.54 -11.13
CA ASN B 110 -8.92 17.06 -11.85
C ASN B 110 -8.10 16.10 -12.76
N PRO B 111 -8.73 15.04 -13.33
CA PRO B 111 -7.95 13.90 -13.86
C PRO B 111 -7.12 14.23 -15.12
N GLN B 112 -6.38 13.24 -15.63
CA GLN B 112 -5.42 13.48 -16.71
C GLN B 112 -6.20 13.80 -17.99
N VAL B 114 -5.81 12.73 -20.92
CA VAL B 114 -6.02 11.59 -21.80
C VAL B 114 -6.54 10.39 -21.02
N VAL B 115 -7.29 9.53 -21.69
CA VAL B 115 -7.65 8.21 -21.15
C VAL B 115 -7.64 7.21 -22.29
N GLY B 116 -7.26 5.98 -22.02
CA GLY B 116 -7.15 4.99 -23.06
C GLY B 116 -7.85 3.74 -22.65
N ILE B 117 -8.58 3.13 -23.58
CA ILE B 117 -9.25 1.85 -23.37
C ILE B 117 -8.53 0.76 -24.15
N PHE B 118 -8.15 -0.30 -23.47
CA PHE B 118 -7.35 -1.34 -24.09
C PHE B 118 -7.98 -2.71 -24.04
N GLU B 119 -7.38 -3.64 -24.79
CA GLU B 119 -7.74 -5.03 -24.70
C GLU B 119 -6.97 -5.64 -23.51
N GLN B 120 -7.68 -6.34 -22.64
CA GLN B 120 -7.07 -7.14 -21.58
C GLN B 120 -6.21 -8.26 -22.19
N ARG B 121 -5.19 -8.69 -21.45
CA ARG B 121 -4.16 -9.60 -21.96
C ARG B 121 -3.62 -10.45 -20.81
N TYR B 122 -4.10 -11.69 -20.75
CA TYR B 122 -3.60 -12.65 -19.79
C TYR B 122 -2.70 -13.60 -20.55
N SER B 123 -1.58 -13.98 -19.94
CA SER B 123 -0.75 -15.07 -20.46
C SER B 123 -1.33 -16.40 -19.98
N PRO B 124 -1.61 -17.33 -20.90
CA PRO B 124 -2.06 -18.63 -20.38
C PRO B 124 -0.92 -19.27 -19.59
N LEU B 125 -1.26 -19.92 -18.50
CA LEU B 125 -0.27 -20.39 -17.55
C LEU B 125 0.68 -21.39 -18.16
N ARG B 126 0.14 -22.36 -18.90
CA ARG B 126 0.98 -23.42 -19.44
C ARG B 126 1.86 -22.93 -20.61
N ASP B 127 1.63 -21.72 -21.10
CA ASP B 127 2.60 -21.07 -21.99
C ASP B 127 3.81 -20.45 -21.25
N ILE B 128 3.90 -20.56 -19.92
CA ILE B 128 5.04 -20.02 -19.19
C ILE B 128 6.06 -21.11 -18.88
N HIS B 129 7.33 -20.84 -19.16
CA HIS B 129 8.42 -21.83 -19.14
C HIS B 129 9.53 -21.31 -18.25
N PRO B 130 9.35 -21.38 -16.92
CA PRO B 130 10.37 -20.85 -16.00
C PRO B 130 11.85 -21.23 -16.32
N GLN B 131 12.59 -20.30 -16.88
CA GLN B 131 14.03 -20.45 -17.12
C GLN B 131 14.82 -20.09 -15.88
N GLU B 132 16.12 -20.30 -15.95
CA GLU B 132 17.06 -20.02 -14.88
C GLU B 132 17.17 -18.52 -14.63
N GLY B 133 17.28 -18.13 -13.35
CA GLY B 133 17.45 -16.73 -12.96
C GLY B 133 16.21 -15.85 -13.01
N GLU B 134 15.04 -16.49 -13.08
CA GLU B 134 13.74 -15.82 -13.22
C GLU B 134 12.94 -15.98 -11.94
N THR B 135 12.08 -15.01 -11.67
CA THR B 135 11.24 -15.05 -10.47
C THR B 135 9.82 -14.75 -10.82
N TYR B 136 8.92 -15.55 -10.29
CA TYR B 136 7.51 -15.37 -10.50
C TYR B 136 6.90 -15.14 -9.13
N VAL B 137 5.83 -14.37 -9.09
CA VAL B 137 5.04 -14.18 -7.92
C VAL B 137 3.71 -14.83 -8.16
N ALA B 138 3.25 -15.58 -7.18
CA ALA B 138 1.91 -16.19 -7.26
C ALA B 138 1.12 -15.70 -6.09
N LEU B 139 -0.06 -15.16 -6.32
CA LEU B 139 -0.88 -14.72 -5.24
C LEU B 139 -2.13 -15.57 -5.19
N ASP B 140 -2.28 -16.30 -4.09
CA ASP B 140 -3.51 -16.98 -3.71
C ASP B 140 -4.54 -15.97 -3.19
N ARG B 141 -5.64 -15.80 -3.91
CA ARG B 141 -6.80 -15.07 -3.42
C ARG B 141 -6.55 -13.64 -2.87
N VAL B 142 -5.70 -12.90 -3.55
CA VAL B 142 -5.51 -11.49 -3.27
C VAL B 142 -6.83 -10.76 -3.48
N ARG B 143 -7.28 -10.05 -2.45
CA ARG B 143 -8.59 -9.33 -2.46
C ARG B 143 -8.47 -7.83 -2.60
N ASP B 144 -7.44 -7.19 -2.07
CA ASP B 144 -7.32 -5.72 -2.13
C ASP B 144 -6.73 -5.28 -3.49
N PRO B 145 -7.46 -4.40 -4.19
CA PRO B 145 -6.99 -3.72 -5.42
C PRO B 145 -5.63 -3.03 -5.30
N GLY B 146 -5.40 -2.36 -4.16
CA GLY B 146 -4.17 -1.65 -3.92
C GLY B 146 -3.01 -2.57 -3.71
N ASN B 147 -3.17 -3.53 -2.81
CA ASN B 147 -2.15 -4.56 -2.58
C ASN B 147 -1.67 -5.12 -3.90
N LEU B 148 -2.61 -5.58 -4.71
CA LEU B 148 -2.29 -6.16 -6.00
C LEU B 148 -1.59 -5.19 -6.93
N GLY B 149 -2.22 -4.05 -7.12
CA GLY B 149 -1.65 -3.01 -7.93
C GLY B 149 -0.19 -2.80 -7.55
N THR B 150 0.07 -2.69 -6.26
CA THR B 150 1.44 -2.44 -5.78
C THR B 150 2.36 -3.60 -6.03
N ILE B 151 1.93 -4.80 -5.72
CA ILE B 151 2.68 -6.01 -6.03
C ILE B 151 3.08 -6.06 -7.50
N ILE B 152 2.11 -5.80 -8.37
CA ILE B 152 2.41 -5.74 -9.79
C ILE B 152 3.53 -4.74 -10.05
N ARG B 153 3.45 -3.59 -9.43
CA ARG B 153 4.48 -2.57 -9.56
C ARG B 153 5.84 -3.00 -9.06
N THR B 154 5.82 -3.64 -7.91
CA THR B 154 7.04 -4.00 -7.21
C THR B 154 7.68 -5.13 -7.95
N ALA B 155 6.87 -5.96 -8.58
CA ALA B 155 7.41 -7.13 -9.25
C ALA B 155 8.08 -6.75 -10.62
N ASP B 156 7.45 -5.88 -11.40
CA ASP B 156 8.13 -5.18 -12.51
C ASP B 156 9.53 -4.67 -12.03
N ALA B 157 9.57 -3.84 -10.99
CA ALA B 157 10.84 -3.24 -10.50
C ALA B 157 11.90 -4.26 -9.99
N ALA B 158 11.48 -5.29 -9.29
CA ALA B 158 12.43 -6.32 -8.88
C ALA B 158 12.97 -7.16 -10.08
N GLY B 159 12.44 -6.96 -11.28
CA GLY B 159 12.75 -7.76 -12.45
C GLY B 159 12.19 -9.16 -12.47
N ALA B 160 10.96 -9.35 -12.02
CA ALA B 160 10.28 -10.66 -12.09
C ALA B 160 9.55 -10.92 -13.44
N SER B 161 9.48 -12.19 -13.82
CA SER B 161 9.02 -12.60 -15.13
C SER B 161 7.49 -12.63 -15.32
N GLY B 162 6.73 -12.60 -14.22
CA GLY B 162 5.25 -12.48 -14.30
C GLY B 162 4.47 -12.72 -13.02
N ILE B 163 3.23 -12.26 -13.00
CA ILE B 163 2.33 -12.45 -11.86
C ILE B 163 1.40 -13.59 -12.15
N ILE B 164 1.14 -14.46 -11.16
CA ILE B 164 0.20 -15.58 -11.31
C ILE B 164 -0.91 -15.46 -10.27
N LEU B 165 -2.15 -15.25 -10.71
CA LEU B 165 -3.28 -15.12 -9.81
C LEU B 165 -3.98 -16.45 -9.66
N VAL B 166 -4.07 -16.93 -8.41
CA VAL B 166 -4.52 -18.27 -8.14
C VAL B 166 -5.87 -18.27 -7.44
N GLY B 167 -6.89 -18.79 -8.11
CA GLY B 167 -8.24 -18.87 -7.55
C GLY B 167 -8.91 -17.53 -7.61
N GLU B 168 -9.92 -17.33 -6.77
CA GLU B 168 -10.72 -16.08 -6.75
C GLU B 168 -9.89 -14.92 -6.24
N THR B 169 -9.63 -13.96 -7.12
CA THR B 169 -8.97 -12.73 -6.76
C THR B 169 -9.74 -11.54 -7.31
N THR B 170 -9.46 -10.40 -6.71
CA THR B 170 -9.80 -9.09 -7.26
C THR B 170 -9.21 -9.02 -8.66
N ASP B 171 -9.69 -8.09 -9.46
CA ASP B 171 -9.41 -8.17 -10.87
C ASP B 171 -8.32 -7.20 -11.14
N PRO B 172 -7.25 -7.65 -11.83
CA PRO B 172 -6.10 -6.79 -12.09
C PRO B 172 -6.34 -5.70 -13.10
N PHE B 173 -7.37 -5.84 -13.93
CA PHE B 173 -7.68 -4.80 -14.89
C PHE B 173 -8.74 -3.82 -14.38
N SER B 174 -9.09 -3.90 -13.08
CA SER B 174 -9.98 -2.88 -12.48
C SER B 174 -9.24 -1.56 -12.48
N LEU B 175 -9.97 -0.46 -12.45
CA LEU B 175 -9.34 0.87 -12.47
C LEU B 175 -8.55 1.16 -11.20
N GLU B 176 -9.03 0.68 -10.07
CA GLU B 176 -8.37 0.82 -8.77
C GLU B 176 -6.99 0.13 -8.85
N THR B 177 -6.98 -1.14 -9.24
CA THR B 177 -5.74 -1.89 -9.35
C THR B 177 -4.82 -1.33 -10.40
N VAL B 178 -5.36 -1.02 -11.56
CA VAL B 178 -4.59 -0.35 -12.62
C VAL B 178 -3.90 0.95 -12.14
N ARG B 179 -4.59 1.80 -11.37
CA ARG B 179 -3.96 3.03 -10.87
C ARG B 179 -2.71 2.74 -10.06
N ALA B 180 -2.85 1.77 -9.18
CA ALA B 180 -1.79 1.39 -8.27
C ALA B 180 -0.62 0.72 -8.92
N THR B 181 -0.75 0.18 -10.13
CA THR B 181 0.41 -0.35 -10.84
C THR B 181 1.27 0.76 -11.39
N GLY B 183 1.12 2.05 -14.31
CA GLY B 183 1.60 1.55 -15.59
C GLY B 183 2.24 0.18 -15.59
N SER B 184 2.59 -0.39 -14.45
CA SER B 184 3.27 -1.68 -14.49
C SER B 184 2.40 -2.81 -14.98
N VAL B 185 1.08 -2.58 -15.07
CA VAL B 185 0.17 -3.58 -15.67
C VAL B 185 0.47 -3.90 -17.16
N PHE B 186 1.01 -2.92 -17.87
CA PHE B 186 1.43 -3.10 -19.23
C PHE B 186 2.76 -3.81 -19.38
N ALA B 187 3.49 -3.93 -18.27
CA ALA B 187 4.90 -4.26 -18.33
C ALA B 187 5.22 -5.70 -17.91
N ILE B 188 4.39 -6.31 -17.08
CA ILE B 188 4.70 -7.62 -16.56
C ILE B 188 3.51 -8.58 -16.84
N PRO B 189 3.79 -9.75 -17.44
CA PRO B 189 2.68 -10.68 -17.73
C PRO B 189 1.94 -11.20 -16.49
N ILE B 190 0.65 -11.45 -16.69
CA ILE B 190 -0.24 -11.89 -15.62
C ILE B 190 -1.00 -13.10 -16.12
N ALA B 191 -0.82 -14.20 -15.42
CA ALA B 191 -1.58 -15.39 -15.68
C ALA B 191 -2.65 -15.52 -14.59
N ARG B 192 -3.66 -16.36 -14.80
CA ARG B 192 -4.64 -16.67 -13.75
C ARG B 192 -5.05 -18.11 -13.84
N ALA B 193 -5.32 -18.75 -12.70
CA ALA B 193 -5.57 -20.18 -12.66
C ALA B 193 -6.25 -20.56 -11.37
N ASN B 194 -6.97 -21.67 -11.35
CA ASN B 194 -7.46 -22.17 -10.07
C ASN B 194 -6.39 -23.05 -9.47
N THR B 195 -6.60 -23.42 -8.22
CA THR B 195 -5.67 -24.25 -7.48
C THR B 195 -5.18 -25.50 -8.24
N GLU B 196 -6.05 -26.11 -9.05
CA GLU B 196 -5.72 -27.35 -9.79
C GLU B 196 -4.70 -27.03 -10.90
N ASP B 197 -5.08 -26.12 -11.79
CA ASP B 197 -4.25 -25.73 -12.95
C ASP B 197 -2.88 -25.31 -12.49
N PHE B 198 -2.85 -24.56 -11.39
CA PHE B 198 -1.62 -24.03 -10.84
C PHE B 198 -0.70 -25.16 -10.41
N ILE B 199 -1.22 -26.02 -9.54
CA ILE B 199 -0.55 -27.25 -9.08
C ILE B 199 -0.03 -28.12 -10.22
N ARG B 200 -0.84 -28.28 -11.27
CA ARG B 200 -0.45 -29.02 -12.47
C ARG B 200 0.83 -28.40 -13.08
N TRP B 201 0.71 -27.16 -13.61
CA TRP B 201 1.83 -26.38 -14.18
C TRP B 201 3.07 -26.33 -13.29
N GLN B 202 2.84 -26.16 -12.02
CA GLN B 202 3.90 -26.02 -11.03
C GLN B 202 4.76 -27.28 -10.94
N ARG B 203 4.07 -28.40 -10.79
CA ARG B 203 4.70 -29.71 -10.69
C ARG B 203 5.51 -30.04 -11.95
N ALA B 204 5.04 -29.62 -13.13
CA ALA B 204 5.75 -29.80 -14.43
C ALA B 204 6.92 -28.83 -14.63
N ALA B 205 6.70 -27.55 -14.30
CA ALA B 205 7.61 -26.46 -14.68
C ALA B 205 8.99 -26.42 -13.99
N GLY B 206 9.22 -27.28 -13.00
CA GLY B 206 10.55 -27.42 -12.38
C GLY B 206 11.10 -26.15 -11.73
N VAL B 207 10.50 -25.77 -10.61
CA VAL B 207 10.70 -24.46 -10.01
C VAL B 207 10.81 -24.65 -8.51
N GLN B 208 11.46 -23.71 -7.83
CA GLN B 208 11.49 -23.69 -6.38
C GLN B 208 10.28 -22.85 -5.94
N VAL B 209 9.28 -23.52 -5.37
CA VAL B 209 8.12 -22.84 -4.81
C VAL B 209 8.36 -22.47 -3.34
N VAL B 210 8.58 -21.18 -3.11
CA VAL B 210 8.75 -20.60 -1.78
C VAL B 210 7.43 -19.94 -1.34
N ALA B 211 6.80 -20.59 -0.39
CA ALA B 211 5.51 -20.21 0.09
C ALA B 211 5.68 -19.50 1.40
N THR B 212 5.02 -18.36 1.55
CA THR B 212 5.07 -17.63 2.80
C THR B 212 3.94 -18.08 3.71
N HIS B 213 4.32 -18.41 4.93
CA HIS B 213 3.43 -19.07 5.88
C HIS B 213 3.86 -18.56 7.20
N LEU B 214 3.28 -19.11 8.28
CA LEU B 214 3.95 -19.16 9.59
C LEU B 214 4.14 -20.63 10.16
N ALA B 215 3.94 -21.68 9.32
CA ALA B 215 3.64 -23.11 9.76
C ALA B 215 4.35 -24.26 8.99
N GLY B 216 5.47 -24.75 9.52
CA GLY B 216 6.50 -25.47 8.76
C GLY B 216 7.58 -24.52 8.23
N SER B 217 7.61 -23.31 8.77
CA SER B 217 8.30 -22.15 8.20
C SER B 217 9.72 -21.99 8.74
N VAL B 218 10.56 -21.48 7.83
CA VAL B 218 11.97 -21.22 8.11
C VAL B 218 12.29 -19.77 7.77
N ASP B 219 13.46 -19.31 8.21
CA ASP B 219 13.83 -17.92 7.98
C ASP B 219 14.07 -17.67 6.49
N TYR B 220 13.45 -16.61 6.00
CA TYR B 220 13.43 -16.31 4.60
C TYR B 220 14.79 -15.97 4.00
N ARG B 221 15.71 -15.51 4.83
CA ARG B 221 17.06 -15.21 4.37
C ARG B 221 17.96 -16.44 4.31
N THR B 222 17.46 -17.60 4.70
CA THR B 222 18.22 -18.83 4.66
C THR B 222 17.85 -19.69 3.46
N ILE B 223 16.82 -19.33 2.71
CA ILE B 223 16.39 -20.21 1.63
C ILE B 223 17.34 -20.12 0.44
N ASP B 224 17.38 -21.20 -0.35
CA ASP B 224 18.16 -21.27 -1.59
C ASP B 224 17.29 -20.78 -2.70
N TYR B 225 17.66 -19.61 -3.24
CA TYR B 225 16.96 -18.95 -4.33
C TYR B 225 17.78 -19.01 -5.65
N LYS B 226 18.86 -19.80 -5.68
CA LYS B 226 19.81 -19.83 -6.83
C LYS B 226 19.65 -20.98 -7.83
N SER B 227 19.22 -22.13 -7.35
CA SER B 227 19.21 -23.35 -8.13
C SER B 227 18.10 -23.37 -9.16
N LYS B 228 16.87 -23.35 -8.69
CA LYS B 228 15.70 -23.44 -9.55
C LYS B 228 15.10 -22.03 -9.72
N PRO B 229 14.55 -21.74 -10.92
CA PRO B 229 13.68 -20.59 -11.05
C PRO B 229 12.66 -20.56 -9.94
N VAL B 230 12.54 -19.43 -9.25
CA VAL B 230 11.72 -19.35 -8.07
C VAL B 230 10.31 -18.84 -8.36
N VAL B 231 9.35 -19.42 -7.64
CA VAL B 231 8.00 -18.92 -7.53
C VAL B 231 7.72 -18.57 -6.07
N LEU B 232 7.32 -17.33 -5.83
CA LEU B 232 6.93 -16.87 -4.53
C LEU B 232 5.42 -16.97 -4.47
N LEU B 233 4.96 -17.72 -3.47
CA LEU B 233 3.56 -18.00 -3.31
C LEU B 233 3.14 -17.32 -2.01
N GLY B 235 0.08 -15.62 0.39
CA GLY B 235 -1.24 -16.00 0.85
C GLY B 235 -2.27 -14.88 0.85
N ASN B 236 -3.50 -15.23 1.27
CA ASN B 236 -4.67 -14.33 1.28
C ASN B 236 -4.56 -13.44 2.53
N GLU B 237 -5.06 -12.20 2.43
CA GLU B 237 -4.91 -11.17 3.45
C GLU B 237 -5.51 -11.58 4.78
N GLN B 238 -6.66 -12.25 4.76
CA GLN B 238 -7.32 -12.73 5.97
C GLN B 238 -6.84 -14.13 6.36
N ALA B 239 -7.08 -15.11 5.48
CA ALA B 239 -6.79 -16.53 5.78
C ALA B 239 -5.29 -16.87 5.78
N GLY B 240 -4.59 -16.48 4.71
CA GLY B 240 -3.27 -16.98 4.41
C GLY B 240 -3.42 -18.18 3.52
N LEU B 241 -2.32 -18.90 3.28
CA LEU B 241 -2.33 -20.01 2.32
C LEU B 241 -3.12 -21.23 2.78
N PRO B 242 -3.98 -21.78 1.91
CA PRO B 242 -4.68 -23.02 2.23
C PRO B 242 -3.76 -24.24 2.19
N VAL B 243 -3.81 -25.06 3.24
CA VAL B 243 -2.90 -26.21 3.35
C VAL B 243 -2.59 -26.97 2.04
N GLU B 244 -3.56 -27.14 1.14
CA GLU B 244 -3.27 -27.93 -0.08
C GLU B 244 -2.23 -27.27 -0.94
N LEU B 245 -2.16 -25.94 -0.89
CA LEU B 245 -1.09 -25.21 -1.58
C LEU B 245 0.23 -25.28 -0.86
N ALA B 246 0.22 -24.95 0.41
CA ALA B 246 1.42 -25.11 1.24
C ALA B 246 1.92 -26.58 1.31
N ARG B 247 1.01 -27.55 1.12
CA ARG B 247 1.34 -28.98 1.06
C ARG B 247 2.26 -29.32 -0.10
N GLU B 248 2.32 -28.50 -1.14
CA GLU B 248 3.20 -28.77 -2.27
C GLU B 248 4.33 -27.70 -2.39
N ALA B 249 4.67 -27.05 -1.29
CA ALA B 249 5.71 -26.02 -1.29
C ALA B 249 7.06 -26.66 -1.11
N GLY B 250 8.06 -26.24 -1.89
CA GLY B 250 9.46 -26.66 -1.74
C GLY B 250 10.03 -26.20 -0.41
N ALA B 251 9.75 -24.95 -0.05
CA ALA B 251 10.09 -24.40 1.26
C ALA B 251 8.97 -23.53 1.78
N LEU B 252 8.91 -23.36 3.09
CA LEU B 252 7.99 -22.42 3.72
C LEU B 252 8.80 -21.33 4.41
N ALA B 253 8.60 -20.11 3.95
CA ALA B 253 9.38 -19.00 4.42
C ALA B 253 8.55 -18.13 5.33
N ARG B 254 9.24 -17.56 6.29
CA ARG B 254 8.69 -16.61 7.20
C ARG B 254 9.69 -15.47 7.40
N ILE B 255 9.16 -14.25 7.44
CA ILE B 255 9.93 -13.06 7.72
C ILE B 255 9.78 -12.79 9.22
N PRO B 256 10.90 -12.76 9.98
CA PRO B 256 10.76 -12.52 11.41
C PRO B 256 10.30 -11.10 11.70
N GLN B 257 9.55 -10.94 12.78
CA GLN B 257 9.02 -9.62 13.22
C GLN B 257 9.22 -9.39 14.73
N ALA B 258 8.78 -8.23 15.22
CA ALA B 258 8.93 -7.84 16.63
C ALA B 258 7.69 -7.08 17.11
N GLY B 259 6.78 -7.74 17.82
CA GLY B 259 5.58 -7.07 18.40
C GLY B 259 4.31 -7.91 18.48
N ARG B 260 3.21 -7.25 18.90
CA ARG B 260 1.85 -7.83 18.87
C ARG B 260 1.38 -7.85 17.42
N ALA B 261 1.93 -6.94 16.61
CA ALA B 261 1.74 -6.95 15.16
C ALA B 261 2.07 -8.33 14.61
N ASP B 262 1.04 -9.05 14.16
CA ASP B 262 1.13 -10.49 13.76
C ASP B 262 1.48 -10.71 12.27
N SER B 263 1.02 -9.81 11.40
CA SER B 263 1.23 -9.92 9.97
C SER B 263 1.90 -8.68 9.46
N LEU B 264 2.62 -8.85 8.35
CA LEU B 264 2.93 -7.71 7.49
C LEU B 264 1.78 -7.64 6.49
N ASN B 265 1.42 -6.43 6.09
CA ASN B 265 0.67 -6.20 4.88
C ASN B 265 1.21 -7.14 3.81
N LEU B 266 0.31 -7.70 3.02
CA LEU B 266 0.69 -8.64 1.97
C LEU B 266 1.68 -8.05 1.02
N ALA B 267 1.42 -6.83 0.56
CA ALA B 267 2.26 -6.22 -0.46
C ALA B 267 3.66 -5.94 0.06
N ILE B 268 3.71 -5.60 1.34
CA ILE B 268 4.96 -5.36 2.05
C ILE B 268 5.68 -6.69 2.13
N ALA B 269 5.04 -7.69 2.71
CA ALA B 269 5.66 -9.01 2.75
C ALA B 269 6.20 -9.38 1.34
N THR B 270 5.38 -9.25 0.29
CA THR B 270 5.78 -9.65 -1.09
C THR B 270 6.98 -8.85 -1.59
N GLY B 271 7.01 -7.56 -1.33
CA GLY B 271 8.16 -6.77 -1.70
C GLY B 271 9.45 -7.30 -1.05
N ILE B 272 9.41 -7.47 0.28
CA ILE B 272 10.54 -8.07 0.99
C ILE B 272 10.99 -9.42 0.42
N LEU B 274 10.44 -10.61 -2.64
CA LEU B 274 11.00 -10.30 -3.92
C LEU B 274 12.46 -9.90 -3.86
N PHE B 275 12.81 -8.98 -3.00
CA PHE B 275 14.20 -8.49 -2.96
C PHE B 275 15.24 -9.40 -2.30
N GLU B 276 14.76 -10.40 -1.57
CA GLU B 276 15.61 -11.43 -1.03
C GLU B 276 15.79 -12.46 -2.08
N ALA B 277 14.68 -12.88 -2.71
CA ALA B 277 14.73 -13.83 -3.81
C ALA B 277 15.60 -13.38 -4.99
N ARG B 278 15.68 -12.08 -5.22
CA ARG B 278 16.51 -11.56 -6.29
C ARG B 278 17.72 -10.78 -5.81
N ARG B 279 18.15 -11.06 -4.57
CA ARG B 279 19.21 -10.30 -3.95
C ARG B 279 20.53 -10.56 -4.70
N HIS B 280 20.82 -11.84 -4.93
CA HIS B 280 21.95 -12.28 -5.76
C HIS B 280 21.91 -11.75 -7.24
N LEU B 281 20.74 -11.38 -7.75
CA LEU B 281 20.66 -10.83 -9.10
C LEU B 281 20.64 -9.30 -9.27
N LEU B 282 20.34 -8.48 -8.25
CA LEU B 282 20.13 -7.04 -8.49
C LEU B 282 21.27 -6.13 -8.12
N SER B 283 21.53 -5.11 -8.96
CA SER B 283 22.54 -4.08 -8.62
C SER B 283 22.45 -2.76 -9.46
#